data_3PU9
#
_entry.id   3PU9
#
_cell.length_a   60.168
_cell.length_b   54.713
_cell.length_c   63.262
_cell.angle_alpha   90.00
_cell.angle_beta   99.51
_cell.angle_gamma   90.00
#
_symmetry.space_group_name_H-M   'P 1 21 1'
#
loop_
_entity.id
_entity.type
_entity.pdbx_description
1 polymer 'Protein serine/threonine phosphatase'
2 non-polymer 'MAGNESIUM ION'
3 non-polymer GLYCEROL
4 water water
#
_entity_poly.entity_id   1
_entity_poly.type   'polypeptide(L)'
_entity_poly.pdbx_seq_one_letter_code
;SNA(MSE)TP(MSE)PVTIELAVAKTHKFGTRESGDTVELVERPGGGFSAVLVDGQGSGAGAKRLSLLVAGAAVRLLNEG
VRDGAAARAAHDFLYA(MSE)RDGKVSAALDILSVDLASRSVLVTRNSEVP(MSE)LLGRNGEFEQISESGGRIGIYRHT
RPRVLEFPAEPGLTVILVSDGIIGAGGRRGQPLEFLATGGRVAGPETPAQAIADELLEAALVADDGRAGDD(MSE)TVVV
LRLRNVEEVEPIRR(MSE)ALTVPLG
;
_entity_poly.pdbx_strand_id   A,B
#
loop_
_chem_comp.id
_chem_comp.type
_chem_comp.name
_chem_comp.formula
GOL non-polymer GLYCEROL 'C3 H8 O3'
MG non-polymer 'MAGNESIUM ION' 'Mg 2'
#
# COMPACT_ATOMS: atom_id res chain seq x y z
N MSE A 7 -15.31 16.67 -12.46
CA MSE A 7 -14.46 16.22 -13.62
C MSE A 7 -13.66 14.98 -13.23
O MSE A 7 -13.41 14.78 -12.03
CB MSE A 7 -13.54 17.38 -14.07
CG MSE A 7 -14.22 18.41 -15.00
SE MSE A 7 -15.07 17.63 -16.64
CE MSE A 7 -16.98 17.78 -16.07
N PRO A 8 -13.28 14.13 -14.22
CA PRO A 8 -12.39 12.97 -13.88
C PRO A 8 -11.18 13.44 -13.12
N VAL A 9 -10.68 12.61 -12.20
CA VAL A 9 -9.53 12.99 -11.41
C VAL A 9 -8.46 11.94 -11.43
N THR A 10 -7.22 12.41 -11.39
CA THR A 10 -6.06 11.59 -11.14
C THR A 10 -5.76 11.77 -9.69
N ILE A 11 -5.58 10.65 -9.00
CA ILE A 11 -5.40 10.58 -7.56
C ILE A 11 -3.97 10.23 -7.21
N GLU A 12 -3.35 11.00 -6.36
CA GLU A 12 -2.05 10.70 -5.80
C GLU A 12 -2.15 10.62 -4.32
N LEU A 13 -1.61 9.60 -3.72
CA LEU A 13 -1.53 9.50 -2.28
C LEU A 13 -0.05 9.24 -1.99
N ALA A 14 0.51 9.92 -1.02
CA ALA A 14 1.89 9.72 -0.63
C ALA A 14 2.06 9.79 0.87
N VAL A 15 3.07 9.05 1.38
CA VAL A 15 3.38 9.00 2.79
C VAL A 15 4.84 9.17 2.96
N ALA A 16 5.27 9.90 3.97
CA ALA A 16 6.65 9.95 4.42
C ALA A 16 6.62 9.82 5.92
N LYS A 17 7.43 9.00 6.52
CA LYS A 17 7.40 8.82 7.93
C LYS A 17 8.76 8.39 8.51
N THR A 18 9.00 8.80 9.75
CA THR A 18 10.15 8.34 10.51
C THR A 18 9.84 8.23 11.99
N HIS A 19 10.77 7.69 12.77
CA HIS A 19 10.56 7.51 14.17
C HIS A 19 11.28 8.48 15.09
N LYS A 20 10.76 8.58 16.33
CA LYS A 20 11.31 9.36 17.42
C LYS A 20 12.78 9.07 17.61
N PHE A 21 13.56 10.13 17.80
CA PHE A 21 15.01 9.93 18.02
C PHE A 21 15.23 9.07 19.23
N GLY A 22 16.12 8.07 19.11
CA GLY A 22 16.44 7.17 20.20
C GLY A 22 15.63 5.93 20.29
N THR A 23 14.70 5.78 19.34
CA THR A 23 13.89 4.57 19.27
C THR A 23 14.33 3.83 17.99
N ARG A 24 13.93 2.58 17.78
CA ARG A 24 14.26 1.94 16.52
C ARG A 24 13.09 1.67 15.60
N GLU A 25 11.88 1.93 16.10
CA GLU A 25 10.69 1.86 15.29
C GLU A 25 9.68 2.92 15.72
N SER A 26 8.81 3.24 14.77
CA SER A 26 7.78 4.20 14.98
C SER A 26 6.54 3.53 15.48
N GLY A 27 5.87 4.23 16.41
CA GLY A 27 4.52 3.82 16.85
C GLY A 27 3.37 4.20 15.96
N ASP A 28 3.67 4.90 14.86
CA ASP A 28 2.66 5.30 13.87
C ASP A 28 2.63 4.25 12.72
N THR A 29 1.45 3.89 12.27
CA THR A 29 1.25 2.96 11.19
C THR A 29 0.33 3.61 10.14
N VAL A 30 0.66 3.43 8.87
CA VAL A 30 -0.23 3.77 7.77
C VAL A 30 -0.37 2.48 6.94
N GLU A 31 -1.60 2.09 6.72
CA GLU A 31 -1.90 0.95 5.81
C GLU A 31 -2.84 1.44 4.71
N LEU A 32 -2.73 0.86 3.53
CA LEU A 32 -3.52 1.15 2.35
C LEU A 32 -4.38 -0.06 2.05
N VAL A 33 -5.61 0.18 1.68
CA VAL A 33 -6.52 -0.90 1.28
C VAL A 33 -7.42 -0.46 0.12
N GLU A 34 -7.61 -1.38 -0.82
CA GLU A 34 -8.49 -1.15 -1.92
C GLU A 34 -9.95 -1.31 -1.48
N ARG A 35 -10.79 -0.37 -1.89
CA ARG A 35 -12.19 -0.38 -1.52
C ARG A 35 -12.98 -1.24 -2.51
N PRO A 36 -13.83 -2.11 -2.00
CA PRO A 36 -14.66 -2.92 -2.88
C PRO A 36 -15.62 -2.10 -3.74
N GLY A 37 -16.11 -0.97 -3.26
CA GLY A 37 -16.94 -0.16 -4.15
C GLY A 37 -16.17 0.65 -5.20
N GLY A 38 -14.84 0.58 -5.13
CA GLY A 38 -13.95 1.32 -6.02
C GLY A 38 -13.20 2.43 -5.29
N GLY A 39 -11.91 2.55 -5.57
CA GLY A 39 -11.06 3.51 -4.84
C GLY A 39 -10.26 2.87 -3.70
N PHE A 40 -9.83 3.68 -2.73
CA PHE A 40 -8.96 3.18 -1.73
C PHE A 40 -9.06 4.00 -0.45
N SER A 41 -8.52 3.41 0.60
CA SER A 41 -8.45 4.06 1.91
C SER A 41 -7.03 3.99 2.46
N ALA A 42 -6.59 5.06 3.12
CA ALA A 42 -5.37 5.09 3.92
C ALA A 42 -5.82 5.20 5.37
N VAL A 43 -5.28 4.32 6.20
CA VAL A 43 -5.60 4.28 7.61
C VAL A 43 -4.34 4.74 8.37
N LEU A 44 -4.46 5.81 9.13
CA LEU A 44 -3.38 6.37 9.95
C LEU A 44 -3.66 6.17 11.40
N VAL A 45 -2.75 5.49 12.09
CA VAL A 45 -2.92 5.20 13.49
C VAL A 45 -1.65 5.57 14.24
N ASP A 46 -1.82 6.34 15.32
CA ASP A 46 -0.71 6.67 16.24
C ASP A 46 -1.07 6.02 17.54
N GLY A 47 -0.36 4.95 17.89
CA GLY A 47 -0.55 4.27 19.17
C GLY A 47 0.00 5.07 20.32
N GLN A 48 -0.69 5.01 21.44
CA GLN A 48 -0.21 5.62 22.67
C GLN A 48 1.25 5.28 22.95
N GLY A 49 2.03 6.31 23.23
CA GLY A 49 3.47 6.16 23.53
C GLY A 49 4.29 6.09 22.27
N SER A 50 5.46 5.46 22.48
CA SER A 50 6.43 5.28 21.39
C SER A 50 6.99 3.90 21.38
N GLY A 51 7.80 3.62 20.36
CA GLY A 51 8.56 2.36 20.36
C GLY A 51 7.72 1.15 20.04
N ALA A 52 8.24 -0.01 20.45
CA ALA A 52 7.63 -1.29 20.07
C ALA A 52 6.22 -1.46 20.63
N GLY A 53 5.97 -1.00 21.85
CA GLY A 53 4.62 -1.13 22.43
C GLY A 53 3.60 -0.36 21.61
N ALA A 54 3.95 0.88 21.25
CA ALA A 54 3.09 1.71 20.47
C ALA A 54 2.86 1.11 19.10
N LYS A 55 3.93 0.57 18.50
CA LYS A 55 3.83 -0.01 17.15
C LYS A 55 2.90 -1.24 17.18
N ARG A 56 3.03 -2.06 18.21
CA ARG A 56 2.11 -3.22 18.33
C ARG A 56 0.67 -2.80 18.38
N LEU A 57 0.41 -1.75 19.12
CA LEU A 57 -0.92 -1.25 19.24
C LEU A 57 -1.41 -0.70 17.88
N SER A 58 -0.58 0.12 17.21
CA SER A 58 -1.05 0.73 15.99
C SER A 58 -1.24 -0.27 14.83
N LEU A 59 -0.43 -1.32 14.78
CA LEU A 59 -0.61 -2.36 13.78
C LEU A 59 -1.89 -3.14 14.07
N LEU A 60 -2.18 -3.36 15.35
CA LEU A 60 -3.38 -4.07 15.76
C LEU A 60 -4.65 -3.31 15.25
N VAL A 61 -4.67 -1.99 15.49
CA VAL A 61 -5.80 -1.15 15.09
C VAL A 61 -5.87 -1.06 13.56
N ALA A 62 -4.73 -0.84 12.93
CA ALA A 62 -4.74 -0.64 11.51
C ALA A 62 -5.21 -1.89 10.82
N GLY A 63 -4.73 -3.04 11.29
CA GLY A 63 -5.15 -4.33 10.71
C GLY A 63 -6.65 -4.56 10.80
N ALA A 64 -7.23 -4.14 11.93
CA ALA A 64 -8.69 -4.26 12.10
C ALA A 64 -9.42 -3.39 11.11
N ALA A 65 -8.99 -2.14 11.00
CA ALA A 65 -9.67 -1.19 10.15
C ALA A 65 -9.52 -1.64 8.68
N VAL A 66 -8.35 -2.08 8.26
CA VAL A 66 -8.20 -2.65 6.92
C VAL A 66 -9.18 -3.82 6.63
N ARG A 67 -9.27 -4.75 7.55
CA ARG A 67 -10.19 -5.87 7.42
C ARG A 67 -11.62 -5.37 7.19
N LEU A 68 -12.06 -4.45 8.04
CA LEU A 68 -13.41 -3.94 7.92
C LEU A 68 -13.66 -3.25 6.57
N LEU A 69 -12.74 -2.40 6.13
CA LEU A 69 -12.94 -1.69 4.90
C LEU A 69 -12.90 -2.65 3.68
N ASN A 70 -12.05 -3.68 3.74
CA ASN A 70 -12.00 -4.74 2.72
C ASN A 70 -13.36 -5.46 2.59
N GLU A 71 -14.04 -5.58 3.72
CA GLU A 71 -15.35 -6.24 3.81
C GLU A 71 -16.50 -5.30 3.33
N GLY A 72 -16.22 -4.01 3.15
CA GLY A 72 -17.24 -3.07 2.65
C GLY A 72 -18.00 -2.37 3.77
N VAL A 73 -17.50 -2.49 4.99
CA VAL A 73 -18.05 -1.73 6.12
C VAL A 73 -17.82 -0.24 5.86
N ARG A 74 -18.87 0.55 6.00
CA ARG A 74 -18.77 2.00 5.70
C ARG A 74 -17.81 2.69 6.66
N ASP A 75 -17.16 3.77 6.20
CA ASP A 75 -16.02 4.29 6.91
C ASP A 75 -16.32 4.70 8.37
N GLY A 76 -17.47 5.31 8.62
CA GLY A 76 -17.80 5.75 9.98
C GLY A 76 -18.03 4.53 10.92
N ALA A 77 -18.74 3.53 10.41
CA ALA A 77 -18.91 2.29 11.07
C ALA A 77 -17.60 1.53 11.28
N ALA A 78 -16.71 1.55 10.26
CA ALA A 78 -15.39 0.98 10.41
C ALA A 78 -14.58 1.60 11.53
N ALA A 79 -14.59 2.94 11.64
CA ALA A 79 -13.89 3.57 12.68
C ALA A 79 -14.43 3.18 14.06
N ARG A 80 -15.75 3.18 14.18
CA ARG A 80 -16.35 2.73 15.46
C ARG A 80 -15.99 1.30 15.75
N ALA A 81 -16.00 0.41 14.74
CA ALA A 81 -15.65 -0.99 14.99
C ALA A 81 -14.18 -1.18 15.34
N ALA A 82 -13.29 -0.35 14.80
CA ALA A 82 -11.85 -0.40 15.13
C ALA A 82 -11.69 0.02 16.61
N HIS A 83 -12.37 1.09 17.00
CA HIS A 83 -12.50 1.43 18.41
C HIS A 83 -13.03 0.29 19.27
N ASP A 84 -14.12 -0.35 18.86
CA ASP A 84 -14.70 -1.47 19.68
C ASP A 84 -13.65 -2.57 19.82
N PHE A 85 -12.89 -2.79 18.76
CA PHE A 85 -11.86 -3.82 18.79
C PHE A 85 -10.72 -3.52 19.78
N LEU A 86 -10.21 -2.28 19.74
CA LEU A 86 -9.18 -1.90 20.69
C LEU A 86 -9.70 -1.90 22.13
N TYR A 87 -10.91 -1.40 22.30
CA TYR A 87 -11.53 -1.33 23.61
C TYR A 87 -11.66 -2.74 24.19
N ALA A 88 -12.04 -3.70 23.35
CA ALA A 88 -12.10 -5.10 23.81
C ALA A 88 -10.71 -5.74 24.03
N MSE A 89 -9.80 -5.57 23.10
CA MSE A 89 -8.53 -6.28 23.15
C MSE A 89 -7.63 -5.78 24.28
O MSE A 89 -6.84 -6.53 24.85
CB MSE A 89 -7.82 -6.16 21.78
CG MSE A 89 -8.46 -6.93 20.64
SE MSE A 89 -8.62 -8.88 20.98
CE MSE A 89 -10.41 -8.95 21.69
N ARG A 90 -7.78 -4.56 24.58
CA ARG A 90 -6.94 -3.97 25.61
C ARG A 90 -7.79 -3.51 26.81
N ASP A 91 -8.96 -3.90 26.89
CA ASP A 91 -9.81 -3.81 28.06
C ASP A 91 -10.06 -2.36 28.43
N GLY A 92 -10.18 -1.47 27.46
CA GLY A 92 -10.39 -0.08 27.83
C GLY A 92 -9.27 0.72 28.46
N LYS A 93 -8.03 0.25 28.34
CA LYS A 93 -6.94 0.85 29.08
C LYS A 93 -6.03 1.69 28.21
N VAL A 94 -6.11 1.52 26.90
CA VAL A 94 -5.13 2.13 26.01
CA VAL A 94 -5.14 2.22 26.05
C VAL A 94 -5.76 2.88 24.83
N SER A 95 -5.16 3.96 24.38
CA SER A 95 -5.78 4.73 23.31
C SER A 95 -4.90 4.83 22.07
N ALA A 96 -5.51 5.29 21.01
CA ALA A 96 -4.85 5.54 19.75
C ALA A 96 -5.53 6.65 19.00
N ALA A 97 -4.76 7.41 18.23
CA ALA A 97 -5.31 8.34 17.27
C ALA A 97 -5.54 7.57 16.00
N LEU A 98 -6.72 7.74 15.39
CA LEU A 98 -7.10 7.04 14.17
C LEU A 98 -7.68 8.06 13.22
N ASP A 99 -7.27 7.97 11.96
CA ASP A 99 -7.91 8.65 10.85
C ASP A 99 -8.01 7.69 9.68
N ILE A 100 -9.12 7.78 8.95
CA ILE A 100 -9.28 7.02 7.70
C ILE A 100 -9.52 8.06 6.62
N LEU A 101 -8.73 8.00 5.56
CA LEU A 101 -8.78 8.92 4.45
C LEU A 101 -9.12 8.13 3.23
N SER A 102 -10.30 8.37 2.65
CA SER A 102 -10.81 7.52 1.58
C SER A 102 -11.11 8.30 0.30
N VAL A 103 -10.83 7.71 -0.86
CA VAL A 103 -11.33 8.18 -2.12
C VAL A 103 -12.31 7.10 -2.55
N ASP A 104 -13.57 7.46 -2.54
CA ASP A 104 -14.67 6.52 -2.86
C ASP A 104 -15.08 6.80 -4.28
N LEU A 105 -14.66 5.92 -5.20
CA LEU A 105 -14.92 6.13 -6.63
C LEU A 105 -16.33 5.78 -7.06
N ALA A 106 -17.10 5.13 -6.18
CA ALA A 106 -18.55 4.97 -6.42
C ALA A 106 -19.32 6.25 -6.11
N SER A 107 -19.00 6.91 -4.99
CA SER A 107 -19.72 8.14 -4.59
C SER A 107 -19.05 9.41 -5.11
N ARG A 108 -17.89 9.24 -5.75
CA ARG A 108 -17.14 10.38 -6.25
C ARG A 108 -16.85 11.36 -5.14
N SER A 109 -16.39 10.86 -4.00
CA SER A 109 -16.09 11.76 -2.94
C SER A 109 -14.88 11.32 -2.14
N VAL A 110 -14.33 12.25 -1.39
CA VAL A 110 -13.26 12.04 -0.44
C VAL A 110 -13.84 12.12 0.96
N LEU A 111 -13.61 11.07 1.76
CA LEU A 111 -14.07 11.07 3.12
C LEU A 111 -12.87 11.05 4.05
N VAL A 112 -12.97 11.82 5.10
CA VAL A 112 -12.00 11.79 6.19
C VAL A 112 -12.78 11.50 7.49
N THR A 113 -12.50 10.32 8.06
CA THR A 113 -13.14 9.83 9.29
C THR A 113 -12.12 9.97 10.39
N ARG A 114 -12.40 10.83 11.39
CA ARG A 114 -11.40 11.33 12.31
C ARG A 114 -11.65 10.97 13.77
N ASN A 115 -10.71 10.32 14.36
CA ASN A 115 -10.66 10.05 15.79
C ASN A 115 -9.22 10.30 16.27
N SER A 116 -8.68 11.45 15.94
CA SER A 116 -7.28 11.71 16.14
C SER A 116 -7.05 12.90 17.05
N GLU A 117 -7.91 13.90 16.97
CA GLU A 117 -7.65 15.18 17.72
C GLU A 117 -6.32 15.91 17.28
N VAL A 118 -5.93 15.76 16.01
CA VAL A 118 -4.73 16.44 15.42
C VAL A 118 -5.21 17.23 14.26
N PRO A 119 -4.76 18.47 14.10
CA PRO A 119 -5.29 19.22 12.96
C PRO A 119 -4.84 18.64 11.65
N MSE A 120 -5.60 18.96 10.61
CA MSE A 120 -5.28 18.57 9.25
C MSE A 120 -5.23 19.80 8.38
O MSE A 120 -5.80 20.83 8.77
CB MSE A 120 -6.26 17.56 8.67
CG MSE A 120 -7.71 18.04 8.56
SE MSE A 120 -8.85 16.75 7.67
CE MSE A 120 -8.89 17.81 6.03
N LEU A 121 -4.72 19.70 7.17
CA LEU A 121 -4.83 20.76 6.21
C LEU A 121 -5.71 20.29 5.07
N LEU A 122 -6.48 21.21 4.53
CA LEU A 122 -7.35 21.04 3.41
C LEU A 122 -7.00 22.11 2.36
N GLY A 123 -6.65 21.67 1.16
CA GLY A 123 -6.40 22.60 0.01
C GLY A 123 -7.57 22.54 -0.95
N ARG A 124 -8.09 23.72 -1.29
N ARG A 124 -8.12 23.72 -1.25
CA ARG A 124 -9.17 23.89 -2.25
CA ARG A 124 -9.28 23.90 -2.14
C ARG A 124 -9.26 25.34 -2.54
C ARG A 124 -9.34 25.35 -2.50
N ASN A 125 -9.84 25.66 -3.69
CA ASN A 125 -9.98 27.08 -4.14
C ASN A 125 -8.63 27.80 -4.26
N GLY A 126 -7.59 27.03 -4.49
CA GLY A 126 -6.27 27.63 -4.68
C GLY A 126 -5.55 28.04 -3.40
N GLU A 127 -6.08 27.59 -2.25
CA GLU A 127 -5.58 27.96 -0.91
C GLU A 127 -5.67 26.80 0.08
N PHE A 128 -5.05 26.95 1.25
CA PHE A 128 -5.10 25.98 2.32
C PHE A 128 -5.75 26.52 3.58
N GLU A 129 -6.41 25.61 4.29
CA GLU A 129 -7.06 25.90 5.58
C GLU A 129 -6.63 24.80 6.52
N GLN A 130 -6.53 25.13 7.79
CA GLN A 130 -6.34 24.15 8.84
C GLN A 130 -7.67 23.81 9.51
N ILE A 131 -7.93 22.52 9.66
CA ILE A 131 -9.20 22.01 10.16
C ILE A 131 -8.93 21.15 11.40
N SER A 132 -9.64 21.40 12.51
CA SER A 132 -9.43 20.56 13.70
C SER A 132 -10.58 19.59 14.08
N GLU A 133 -11.65 19.58 13.30
CA GLU A 133 -12.80 18.73 13.57
C GLU A 133 -12.34 17.30 13.64
N SER A 134 -12.72 16.66 14.72
CA SER A 134 -12.38 15.27 14.95
C SER A 134 -13.22 14.69 16.08
N GLY A 135 -13.47 13.37 16.03
CA GLY A 135 -13.91 12.64 17.15
C GLY A 135 -12.75 12.45 18.14
N GLY A 136 -13.03 11.87 19.31
CA GLY A 136 -11.97 11.61 20.28
C GLY A 136 -11.04 10.50 19.83
N ARG A 137 -9.91 10.36 20.52
CA ARG A 137 -9.08 9.17 20.34
C ARG A 137 -9.89 7.92 20.67
N ILE A 138 -9.50 6.80 20.06
CA ILE A 138 -10.16 5.56 20.26
C ILE A 138 -9.50 4.76 21.38
N GLY A 139 -10.28 3.84 21.94
CA GLY A 139 -9.74 2.79 22.82
C GLY A 139 -10.18 2.77 24.25
N ILE A 140 -10.54 3.95 24.77
CA ILE A 140 -10.78 4.11 26.20
C ILE A 140 -12.24 4.46 26.47
N TYR A 141 -12.73 5.49 25.81
CA TYR A 141 -14.06 5.97 26.10
C TYR A 141 -15.11 5.10 25.41
N ARG A 142 -16.01 4.51 26.20
CA ARG A 142 -16.90 3.49 25.68
C ARG A 142 -17.70 4.01 24.49
N HIS A 143 -18.12 5.28 24.54
CA HIS A 143 -18.97 5.84 23.50
C HIS A 143 -18.25 6.70 22.48
N THR A 144 -17.03 6.33 22.19
CA THR A 144 -16.27 7.05 21.15
C THR A 144 -17.01 6.98 19.80
N ARG A 145 -17.05 8.09 19.11
CA ARG A 145 -17.58 8.17 17.76
C ARG A 145 -16.73 9.00 16.84
N PRO A 146 -16.63 8.59 15.57
CA PRO A 146 -15.90 9.40 14.61
C PRO A 146 -16.65 10.61 14.16
N ARG A 147 -15.93 11.60 13.67
CA ARG A 147 -16.52 12.66 12.88
C ARG A 147 -16.11 12.38 11.46
N VAL A 148 -17.01 12.60 10.49
CA VAL A 148 -16.76 12.27 9.08
C VAL A 148 -16.91 13.57 8.28
N LEU A 149 -15.86 13.95 7.53
CA LEU A 149 -15.84 15.10 6.62
C LEU A 149 -15.91 14.52 5.24
N GLU A 150 -16.75 15.06 4.36
CA GLU A 150 -16.80 14.55 2.99
C GLU A 150 -16.68 15.75 2.06
N PHE A 151 -15.98 15.54 0.95
CA PHE A 151 -15.73 16.56 -0.05
C PHE A 151 -15.91 15.91 -1.41
N PRO A 152 -16.46 16.65 -2.39
CA PRO A 152 -16.48 16.08 -3.75
C PRO A 152 -15.09 15.77 -4.24
N ALA A 153 -14.96 14.67 -4.97
CA ALA A 153 -13.67 14.25 -5.49
C ALA A 153 -13.45 15.01 -6.79
N GLU A 154 -12.82 16.16 -6.68
CA GLU A 154 -12.55 17.04 -7.82
C GLU A 154 -11.10 17.47 -7.92
N PRO A 155 -10.69 17.84 -9.12
CA PRO A 155 -9.36 18.36 -9.26
C PRO A 155 -9.15 19.56 -8.34
N GLY A 156 -7.93 19.64 -7.83
CA GLY A 156 -7.54 20.77 -7.00
C GLY A 156 -7.74 20.57 -5.50
N LEU A 157 -8.29 19.44 -5.08
CA LEU A 157 -8.42 19.10 -3.69
C LEU A 157 -7.16 18.45 -3.13
N THR A 158 -6.70 18.90 -1.97
CA THR A 158 -5.62 18.28 -1.24
C THR A 158 -6.00 18.05 0.18
N VAL A 159 -5.63 16.92 0.76
CA VAL A 159 -5.75 16.69 2.18
C VAL A 159 -4.40 16.32 2.69
N ILE A 160 -3.98 16.94 3.77
CA ILE A 160 -2.72 16.59 4.46
C ILE A 160 -3.03 16.19 5.87
N LEU A 161 -2.77 14.95 6.22
CA LEU A 161 -2.92 14.45 7.56
C LEU A 161 -1.57 14.16 8.15
N VAL A 162 -1.38 14.46 9.45
CA VAL A 162 -0.18 14.25 10.11
C VAL A 162 -0.36 13.60 11.46
N SER A 163 0.69 13.04 12.01
CA SER A 163 0.72 12.66 13.40
C SER A 163 1.18 13.82 14.25
N ASP A 164 0.91 13.72 15.53
CA ASP A 164 1.28 14.83 16.39
C ASP A 164 2.74 15.10 16.54
N GLY A 165 3.65 14.21 16.11
CA GLY A 165 5.05 14.54 16.08
C GLY A 165 5.40 15.63 15.08
N ILE A 166 4.64 15.76 14.02
CA ILE A 166 4.78 16.89 13.10
C ILE A 166 4.34 18.23 13.76
N ILE A 167 3.16 18.25 14.35
CA ILE A 167 2.62 19.44 15.00
C ILE A 167 3.52 19.90 16.14
N GLY A 168 4.05 18.95 16.90
CA GLY A 168 4.88 19.29 18.07
C GLY A 168 6.35 19.59 17.75
N ALA A 169 6.72 19.45 16.49
CA ALA A 169 8.12 19.72 16.08
C ALA A 169 8.42 21.18 16.34
N GLY A 170 9.62 21.42 16.85
CA GLY A 170 10.04 22.80 17.17
C GLY A 170 9.75 23.19 18.61
N GLY A 171 9.05 22.34 19.35
CA GLY A 171 8.85 22.57 20.82
C GLY A 171 10.15 22.68 21.62
N ARG A 172 11.11 21.79 21.39
CA ARG A 172 12.39 21.83 22.16
C ARG A 172 13.14 23.18 22.07
N ARG A 173 13.25 23.72 20.86
CA ARG A 173 14.02 24.92 20.58
C ARG A 173 13.20 26.19 20.81
N GLY A 174 11.91 26.03 21.10
CA GLY A 174 11.00 27.16 21.34
C GLY A 174 10.26 27.76 20.15
N GLN A 175 10.31 27.08 18.99
CA GLN A 175 9.82 27.67 17.73
C GLN A 175 9.05 26.59 16.95
N PRO A 176 7.75 26.44 17.28
CA PRO A 176 6.99 25.32 16.71
C PRO A 176 6.88 25.47 15.22
N LEU A 177 6.85 24.34 14.53
CA LEU A 177 6.65 24.30 13.12
C LEU A 177 5.35 25.07 12.84
N GLU A 178 5.34 25.93 11.82
CA GLU A 178 4.08 26.58 11.42
C GLU A 178 3.43 25.71 10.37
N PHE A 179 2.42 24.94 10.77
CA PHE A 179 1.87 23.83 9.99
C PHE A 179 1.24 24.33 8.73
N LEU A 180 0.23 25.19 8.84
CA LEU A 180 -0.47 25.73 7.66
C LEU A 180 0.52 26.47 6.76
N ALA A 181 1.37 27.34 7.31
CA ALA A 181 2.29 28.13 6.46
C ALA A 181 3.23 27.25 5.72
N THR A 182 3.72 26.22 6.41
CA THR A 182 4.60 25.29 5.75
C THR A 182 3.92 24.49 4.65
N GLY A 183 2.75 23.93 4.96
CA GLY A 183 1.92 23.20 3.99
C GLY A 183 1.68 24.03 2.74
N GLY A 184 1.21 25.27 2.91
CA GLY A 184 0.96 26.14 1.76
C GLY A 184 2.21 26.46 0.96
N ARG A 185 3.34 26.63 1.65
N ARG A 185 3.32 26.61 1.66
CA ARG A 185 4.60 26.89 0.99
CA ARG A 185 4.60 26.89 1.05
C ARG A 185 5.02 25.72 0.10
C ARG A 185 5.10 25.74 0.16
N VAL A 186 4.97 24.51 0.65
CA VAL A 186 5.52 23.33 -0.01
C VAL A 186 4.60 22.74 -1.05
N ALA A 187 3.31 23.03 -0.93
CA ALA A 187 2.28 22.51 -1.84
C ALA A 187 1.91 23.62 -2.84
N GLY A 188 2.70 23.76 -3.88
CA GLY A 188 2.32 24.61 -4.98
C GLY A 188 1.40 23.85 -5.92
N PRO A 189 0.73 24.57 -6.83
CA PRO A 189 -0.16 24.02 -7.83
C PRO A 189 0.27 22.70 -8.44
N GLU A 190 1.53 22.56 -8.83
CA GLU A 190 1.99 21.38 -9.59
C GLU A 190 2.86 20.39 -8.78
N THR A 191 3.02 20.64 -7.50
CA THR A 191 3.89 19.78 -6.69
C THR A 191 3.26 18.38 -6.48
N PRO A 192 4.05 17.33 -6.70
CA PRO A 192 3.54 15.97 -6.49
C PRO A 192 3.33 15.66 -5.02
N ALA A 193 2.40 14.78 -4.72
CA ALA A 193 2.10 14.38 -3.32
C ALA A 193 3.33 13.91 -2.56
N GLN A 194 4.22 13.16 -3.23
CA GLN A 194 5.35 12.60 -2.49
C GLN A 194 6.28 13.73 -2.07
N ALA A 195 6.41 14.76 -2.91
CA ALA A 195 7.32 15.87 -2.61
C ALA A 195 6.75 16.68 -1.46
N ILE A 196 5.44 16.87 -1.44
CA ILE A 196 4.79 17.55 -0.34
C ILE A 196 5.05 16.80 0.98
N ALA A 197 4.88 15.47 0.95
CA ALA A 197 5.02 14.65 2.16
C ALA A 197 6.48 14.76 2.62
N ASP A 198 7.40 14.61 1.68
CA ASP A 198 8.82 14.64 2.00
C ASP A 198 9.25 15.98 2.58
N GLU A 199 8.79 17.06 1.94
CA GLU A 199 9.23 18.39 2.33
C GLU A 199 8.62 18.82 3.68
N LEU A 200 7.40 18.38 3.97
CA LEU A 200 6.79 18.67 5.26
C LEU A 200 7.50 17.88 6.37
N LEU A 201 7.78 16.61 6.12
CA LEU A 201 8.54 15.79 7.07
C LEU A 201 9.90 16.44 7.34
N GLU A 202 10.59 16.89 6.28
CA GLU A 202 11.90 17.48 6.47
C GLU A 202 11.81 18.81 7.23
N ALA A 203 10.78 19.59 6.99
CA ALA A 203 10.55 20.84 7.72
C ALA A 203 10.39 20.55 9.21
N ALA A 204 9.67 19.48 9.55
CA ALA A 204 9.49 19.08 10.92
C ALA A 204 10.80 18.59 11.55
N LEU A 205 11.58 17.83 10.78
CA LEU A 205 12.88 17.37 11.28
C LEU A 205 13.81 18.55 11.54
N VAL A 206 13.81 19.51 10.64
CA VAL A 206 14.63 20.71 10.82
C VAL A 206 14.15 21.48 12.08
N ALA A 207 12.84 21.56 12.28
CA ALA A 207 12.30 22.29 13.44
C ALA A 207 12.72 21.63 14.75
N ASP A 208 12.94 20.31 14.71
CA ASP A 208 13.39 19.55 15.85
C ASP A 208 14.93 19.37 15.85
N ASP A 209 15.63 20.20 15.09
CA ASP A 209 17.12 20.19 15.03
C ASP A 209 17.69 18.82 14.72
N GLY A 210 16.95 18.12 13.88
CA GLY A 210 17.36 16.80 13.34
C GLY A 210 17.22 15.68 14.33
N ARG A 211 16.57 15.93 15.45
CA ARG A 211 16.31 14.90 16.44
C ARG A 211 14.78 14.85 16.72
N ALA A 212 14.11 13.97 16.02
CA ALA A 212 12.67 13.90 16.09
C ALA A 212 12.20 13.71 17.54
N GLY A 213 11.36 14.62 18.01
CA GLY A 213 10.90 14.54 19.38
C GLY A 213 9.82 13.49 19.63
N ASP A 214 9.22 13.02 18.55
CA ASP A 214 8.17 12.02 18.59
C ASP A 214 7.85 11.57 17.18
N ASP A 215 7.45 10.30 17.02
CA ASP A 215 7.20 9.74 15.71
C ASP A 215 6.50 10.80 14.81
N MSE A 216 6.91 10.82 13.54
CA MSE A 216 6.50 11.79 12.58
C MSE A 216 5.98 11.10 11.33
O MSE A 216 6.74 10.36 10.67
CB MSE A 216 7.62 12.75 12.15
CG MSE A 216 8.20 13.60 13.25
SE MSE A 216 9.68 14.62 12.53
CE MSE A 216 9.79 15.82 14.10
N THR A 217 4.73 11.39 10.94
CA THR A 217 4.08 10.78 9.79
C THR A 217 3.33 11.86 9.05
N VAL A 218 3.51 11.94 7.74
CA VAL A 218 2.81 12.82 6.86
C VAL A 218 2.11 11.98 5.80
N VAL A 219 0.80 12.19 5.60
CA VAL A 219 -0.02 11.54 4.57
C VAL A 219 -0.61 12.61 3.68
N VAL A 220 -0.38 12.58 2.39
CA VAL A 220 -0.87 13.58 1.48
C VAL A 220 -1.74 12.94 0.42
N LEU A 221 -2.94 13.46 0.19
CA LEU A 221 -3.81 13.08 -0.89
C LEU A 221 -3.95 14.31 -1.77
N ARG A 222 -3.68 14.16 -3.04
CA ARG A 222 -3.85 15.15 -4.04
C ARG A 222 -4.70 14.66 -5.16
N LEU A 223 -5.75 15.38 -5.49
CA LEU A 223 -6.58 15.11 -6.68
C LEU A 223 -6.24 16.16 -7.74
N ARG A 224 -5.92 15.71 -8.94
CA ARG A 224 -5.52 16.64 -9.99
C ARG A 224 -6.27 16.35 -11.28
N ASN A 225 -6.15 17.27 -12.22
CA ASN A 225 -6.79 17.09 -13.51
C ASN A 225 -6.11 15.95 -14.20
N VAL A 226 -6.89 15.22 -14.98
CA VAL A 226 -6.37 14.15 -15.75
C VAL A 226 -5.47 14.69 -16.87
N GLU A 227 -4.23 14.22 -16.87
CA GLU A 227 -3.24 14.52 -17.89
C GLU A 227 -2.75 13.24 -18.57
N GLU A 228 -3.27 12.08 -18.16
CA GLU A 228 -2.83 10.77 -18.71
C GLU A 228 -3.93 10.13 -19.56
N VAL A 229 -3.61 9.06 -20.29
CA VAL A 229 -4.60 8.42 -21.16
C VAL A 229 -4.91 6.96 -20.86
N GLU A 230 -4.04 6.28 -20.14
CA GLU A 230 -4.26 4.86 -19.85
C GLU A 230 -4.50 4.73 -18.35
N PRO A 231 -5.44 3.86 -17.93
CA PRO A 231 -5.72 3.76 -16.50
C PRO A 231 -4.69 2.80 -15.91
N ILE A 232 -3.49 3.31 -15.70
CA ILE A 232 -2.37 2.51 -15.18
C ILE A 232 -2.09 2.90 -13.75
N ARG A 233 -2.43 2.02 -12.78
CA ARG A 233 -2.21 2.28 -11.37
C ARG A 233 -0.78 1.96 -11.01
N ARG A 234 -0.17 2.79 -10.20
CA ARG A 234 1.18 2.58 -9.79
C ARG A 234 1.29 2.69 -8.29
N MSE A 235 2.06 1.82 -7.66
CA MSE A 235 2.31 1.87 -6.24
CA MSE A 235 2.27 1.84 -6.22
C MSE A 235 3.78 1.69 -6.00
O MSE A 235 4.43 1.00 -6.73
CB MSE A 235 1.57 0.81 -5.46
CB MSE A 235 1.50 0.73 -5.51
CG MSE A 235 0.29 0.33 -6.06
CG MSE A 235 0.92 0.98 -4.12
SE MSE A 235 -0.44 -1.37 -5.32
SE MSE A 235 -0.40 -0.33 -3.34
CE MSE A 235 -2.21 -1.36 -6.16
CE MSE A 235 -0.44 -1.39 -5.06
N ALA A 236 4.30 2.36 -4.99
CA ALA A 236 5.68 2.19 -4.64
C ALA A 236 5.89 2.30 -3.17
N LEU A 237 6.68 1.40 -2.63
CA LEU A 237 7.04 1.41 -1.22
C LEU A 237 8.54 1.43 -1.14
N THR A 238 9.15 2.33 -0.39
CA THR A 238 10.58 2.31 -0.18
C THR A 238 10.88 2.38 1.26
N VAL A 239 11.59 1.40 1.81
CA VAL A 239 11.72 1.28 3.25
C VAL A 239 12.97 0.63 3.61
N PRO A 240 13.48 0.89 4.81
CA PRO A 240 14.61 0.06 5.26
C PRO A 240 14.16 -1.39 5.59
N LEU A 241 15.07 -2.35 5.41
CA LEU A 241 14.88 -3.69 5.95
C LEU A 241 15.14 -3.71 7.48
N GLY A 242 16.34 -3.42 7.94
CA GLY A 242 17.25 -2.54 7.24
C GLY A 242 18.65 -3.08 7.04
N MSE B 7 25.57 -6.27 4.95
CA MSE B 7 25.24 -4.81 4.90
C MSE B 7 23.73 -4.48 5.13
O MSE B 7 22.86 -5.33 4.87
CB MSE B 7 25.75 -4.22 3.58
CG MSE B 7 27.30 -4.23 3.50
SE MSE B 7 28.21 -3.11 4.83
CE MSE B 7 28.14 -4.30 6.38
N PRO B 8 23.43 -3.27 5.63
CA PRO B 8 22.02 -2.83 5.72
C PRO B 8 21.39 -2.80 4.31
N VAL B 9 20.12 -3.12 4.20
CA VAL B 9 19.46 -3.12 2.91
C VAL B 9 18.26 -2.18 2.90
N THR B 10 18.09 -1.53 1.76
CA THR B 10 16.89 -0.76 1.41
C THR B 10 16.03 -1.56 0.47
N ILE B 11 14.73 -1.67 0.77
CA ILE B 11 13.73 -2.37 0.01
C ILE B 11 12.98 -1.37 -0.91
N GLU B 12 12.99 -1.58 -2.22
CA GLU B 12 12.09 -0.90 -3.14
C GLU B 12 11.09 -1.89 -3.64
N LEU B 13 9.83 -1.64 -3.51
CA LEU B 13 8.81 -2.41 -4.10
C LEU B 13 8.00 -1.53 -4.98
N ALA B 14 7.64 -1.96 -6.17
CA ALA B 14 6.78 -1.18 -7.01
C ALA B 14 5.81 -2.04 -7.78
N VAL B 15 4.73 -1.44 -8.23
CA VAL B 15 3.67 -2.11 -8.94
C VAL B 15 3.22 -1.18 -10.05
N ALA B 16 2.96 -1.73 -11.24
CA ALA B 16 2.30 -1.05 -12.34
C ALA B 16 1.26 -2.00 -12.87
N LYS B 17 0.03 -1.57 -13.05
CA LYS B 17 -1.05 -2.46 -13.43
C LYS B 17 -2.11 -1.73 -14.21
N THR B 18 -2.81 -2.48 -15.08
CA THR B 18 -3.97 -2.00 -15.79
C THR B 18 -4.95 -3.11 -16.06
N HIS B 19 -6.13 -2.77 -16.51
CA HIS B 19 -7.20 -3.70 -16.76
C HIS B 19 -7.41 -4.01 -18.22
N LYS B 20 -8.05 -5.15 -18.45
CA LYS B 20 -8.39 -5.59 -19.77
C LYS B 20 -9.15 -4.51 -20.53
N PHE B 21 -8.74 -4.23 -21.76
CA PHE B 21 -9.47 -3.25 -22.61
C PHE B 21 -10.93 -3.68 -22.80
N GLY B 22 -11.84 -2.75 -22.53
CA GLY B 22 -13.27 -3.05 -22.67
C GLY B 22 -13.92 -3.21 -21.32
N THR B 23 -13.13 -3.32 -20.25
CA THR B 23 -13.69 -3.43 -18.88
C THR B 23 -13.40 -2.15 -18.15
N ARG B 24 -13.97 -2.03 -16.97
CA ARG B 24 -13.81 -0.80 -16.19
C ARG B 24 -13.05 -1.04 -14.90
N GLU B 25 -12.67 -2.28 -14.65
CA GLU B 25 -11.78 -2.58 -13.55
C GLU B 25 -11.10 -3.90 -13.76
N SER B 26 -10.03 -4.08 -12.99
CA SER B 26 -9.21 -5.26 -13.05
C SER B 26 -9.64 -6.33 -12.05
N GLY B 27 -9.60 -7.60 -12.43
CA GLY B 27 -9.69 -8.73 -11.46
C GLY B 27 -8.35 -9.15 -10.80
N ASP B 28 -7.29 -8.34 -11.09
CA ASP B 28 -5.94 -8.44 -10.37
C ASP B 28 -5.90 -7.45 -9.17
N THR B 29 -5.50 -7.99 -8.04
CA THR B 29 -5.38 -7.23 -6.77
C THR B 29 -3.94 -7.37 -6.30
N VAL B 30 -3.35 -6.25 -5.87
CA VAL B 30 -2.10 -6.26 -5.15
C VAL B 30 -2.34 -5.53 -3.84
N GLU B 31 -2.21 -6.22 -2.74
CA GLU B 31 -2.33 -5.55 -1.40
C GLU B 31 -0.98 -5.57 -0.75
N LEU B 32 -0.64 -4.50 -0.06
CA LEU B 32 0.60 -4.39 0.70
C LEU B 32 0.27 -4.38 2.20
N VAL B 33 1.06 -5.11 2.94
CA VAL B 33 0.84 -5.26 4.38
C VAL B 33 2.14 -5.22 5.14
N GLU B 34 2.14 -4.48 6.24
CA GLU B 34 3.29 -4.47 7.12
C GLU B 34 3.29 -5.71 8.01
N ARG B 35 4.40 -6.40 8.06
CA ARG B 35 4.59 -7.57 8.92
C ARG B 35 4.89 -7.17 10.35
N PRO B 36 4.25 -7.85 11.31
CA PRO B 36 4.47 -7.45 12.72
C PRO B 36 5.88 -7.81 13.22
N GLY B 37 6.51 -8.80 12.60
CA GLY B 37 7.93 -9.04 12.89
C GLY B 37 8.92 -8.11 12.21
N GLY B 38 8.44 -7.20 11.37
CA GLY B 38 9.31 -6.32 10.63
C GLY B 38 9.42 -6.67 9.16
N GLY B 39 9.32 -5.66 8.34
CA GLY B 39 9.26 -5.91 6.90
C GLY B 39 7.86 -5.92 6.39
N PHE B 40 7.69 -6.42 5.16
CA PHE B 40 6.46 -6.16 4.41
C PHE B 40 6.17 -7.30 3.48
N SER B 41 4.92 -7.38 3.08
CA SER B 41 4.52 -8.39 2.12
C SER B 41 3.66 -7.71 1.04
N ALA B 42 3.77 -8.21 -0.18
CA ALA B 42 2.83 -7.89 -1.26
C ALA B 42 2.06 -9.15 -1.56
N VAL B 43 0.73 -9.04 -1.60
CA VAL B 43 -0.15 -10.19 -1.96
C VAL B 43 -0.71 -9.88 -3.34
N LEU B 44 -0.45 -10.76 -4.33
CA LEU B 44 -0.89 -10.63 -5.73
C LEU B 44 -1.93 -11.70 -5.97
N VAL B 45 -3.15 -11.30 -6.32
CA VAL B 45 -4.23 -12.25 -6.62
C VAL B 45 -4.80 -11.90 -7.98
N ASP B 46 -4.81 -12.90 -8.88
CA ASP B 46 -5.42 -12.80 -10.20
C ASP B 46 -6.55 -13.83 -10.23
N GLY B 47 -7.74 -13.33 -10.01
CA GLY B 47 -8.93 -14.16 -9.95
C GLY B 47 -9.41 -14.52 -11.35
N GLN B 48 -10.06 -15.65 -11.42
CA GLN B 48 -10.72 -16.09 -12.62
C GLN B 48 -11.70 -15.01 -13.05
N GLY B 49 -11.73 -14.70 -14.35
CA GLY B 49 -12.67 -13.74 -14.91
C GLY B 49 -12.14 -12.31 -15.03
N SER B 50 -13.01 -11.44 -15.52
CA SER B 50 -12.71 -10.00 -15.66
C SER B 50 -13.87 -9.15 -15.09
N GLY B 51 -13.57 -7.89 -14.81
CA GLY B 51 -14.61 -6.95 -14.43
C GLY B 51 -15.11 -7.15 -13.02
N ALA B 52 -16.36 -6.76 -12.76
CA ALA B 52 -16.80 -6.44 -11.42
C ALA B 52 -16.76 -7.61 -10.47
N GLY B 53 -17.30 -8.76 -10.90
CA GLY B 53 -17.36 -9.91 -10.02
C GLY B 53 -15.99 -10.46 -9.70
N ALA B 54 -15.11 -10.48 -10.71
CA ALA B 54 -13.76 -10.97 -10.58
C ALA B 54 -13.01 -10.12 -9.55
N LYS B 55 -13.25 -8.82 -9.60
CA LYS B 55 -12.58 -7.94 -8.67
C LYS B 55 -13.02 -8.18 -7.23
N ARG B 56 -14.33 -8.29 -6.98
CA ARG B 56 -14.86 -8.52 -5.64
C ARG B 56 -14.22 -9.76 -5.00
N LEU B 57 -14.14 -10.82 -5.79
CA LEU B 57 -13.60 -12.04 -5.27
C LEU B 57 -12.09 -11.97 -5.07
N SER B 58 -11.37 -11.34 -5.99
CA SER B 58 -9.93 -11.21 -5.77
C SER B 58 -9.60 -10.42 -4.52
N LEU B 59 -10.42 -9.40 -4.21
CA LEU B 59 -10.28 -8.63 -2.98
C LEU B 59 -10.45 -9.46 -1.72
N LEU B 60 -11.43 -10.31 -1.73
CA LEU B 60 -11.67 -11.14 -0.56
C LEU B 60 -10.61 -12.22 -0.40
N VAL B 61 -10.15 -12.77 -1.53
CA VAL B 61 -9.07 -13.75 -1.43
C VAL B 61 -7.83 -13.08 -0.87
N ALA B 62 -7.45 -11.94 -1.41
CA ALA B 62 -6.28 -11.19 -0.92
C ALA B 62 -6.45 -10.89 0.57
N GLY B 63 -7.66 -10.49 0.94
CA GLY B 63 -7.99 -10.12 2.31
C GLY B 63 -7.80 -11.27 3.27
N ALA B 64 -8.10 -12.50 2.81
CA ALA B 64 -7.93 -13.68 3.66
C ALA B 64 -6.45 -13.89 4.05
N ALA B 65 -5.57 -13.61 3.09
CA ALA B 65 -4.16 -13.77 3.31
C ALA B 65 -3.65 -12.58 4.10
N VAL B 66 -4.13 -11.39 3.79
CA VAL B 66 -3.64 -10.16 4.45
C VAL B 66 -3.96 -10.23 5.95
N ARG B 67 -5.13 -10.73 6.30
CA ARG B 67 -5.51 -10.82 7.72
C ARG B 67 -4.51 -11.62 8.53
N LEU B 68 -4.07 -12.72 7.95
CA LEU B 68 -3.25 -13.67 8.67
C LEU B 68 -1.84 -13.17 8.76
N LEU B 69 -1.36 -12.56 7.68
CA LEU B 69 -0.07 -11.88 7.68
C LEU B 69 -0.02 -10.80 8.77
N ASN B 70 -1.09 -10.02 8.91
CA ASN B 70 -1.17 -8.99 9.94
CA ASN B 70 -1.09 -8.95 9.94
C ASN B 70 -0.98 -9.56 11.36
N GLU B 71 -1.45 -10.82 11.52
CA GLU B 71 -1.37 -11.63 12.76
C GLU B 71 -0.04 -12.39 12.97
N GLY B 72 0.88 -12.25 12.03
CA GLY B 72 2.16 -12.92 12.13
C GLY B 72 2.07 -14.41 11.86
N VAL B 73 0.99 -14.84 11.22
CA VAL B 73 0.92 -16.20 10.67
C VAL B 73 1.86 -16.30 9.45
N ARG B 74 2.63 -17.39 9.38
N ARG B 74 2.60 -17.40 9.36
CA ARG B 74 3.64 -17.58 8.35
CA ARG B 74 3.60 -17.55 8.34
C ARG B 74 3.03 -17.59 6.95
C ARG B 74 3.00 -17.56 6.94
N ASP B 75 3.81 -17.16 5.96
CA ASP B 75 3.30 -16.97 4.60
C ASP B 75 2.66 -18.22 4.00
N GLY B 76 3.29 -19.39 4.16
CA GLY B 76 2.73 -20.66 3.69
C GLY B 76 1.37 -20.96 4.25
N ALA B 77 1.23 -20.72 5.54
CA ALA B 77 -0.03 -20.98 6.23
C ALA B 77 -1.05 -19.99 5.70
N ALA B 78 -0.58 -18.77 5.44
CA ALA B 78 -1.49 -17.72 4.92
C ALA B 78 -2.01 -18.05 3.52
N ALA B 79 -1.12 -18.58 2.67
CA ALA B 79 -1.52 -19.00 1.35
C ALA B 79 -2.50 -20.18 1.44
N ARG B 80 -2.22 -21.12 2.34
CA ARG B 80 -3.14 -22.26 2.46
C ARG B 80 -4.51 -21.81 2.95
N ALA B 81 -4.55 -20.82 3.84
CA ALA B 81 -5.80 -20.25 4.31
C ALA B 81 -6.60 -19.56 3.21
N ALA B 82 -5.93 -18.81 2.35
CA ALA B 82 -6.53 -18.14 1.20
C ALA B 82 -7.14 -19.20 0.27
N HIS B 83 -6.38 -20.28 0.01
CA HIS B 83 -6.93 -21.36 -0.75
C HIS B 83 -8.18 -21.98 -0.07
N ASP B 84 -8.08 -22.31 1.21
CA ASP B 84 -9.18 -22.93 1.92
C ASP B 84 -10.41 -22.03 1.83
N PHE B 85 -10.20 -20.70 1.90
CA PHE B 85 -11.29 -19.71 1.84
C PHE B 85 -11.99 -19.81 0.48
N LEU B 86 -11.20 -19.79 -0.58
CA LEU B 86 -11.74 -19.75 -1.92
C LEU B 86 -12.41 -21.08 -2.26
N TYR B 87 -11.76 -22.17 -1.88
CA TYR B 87 -12.29 -23.52 -2.06
C TYR B 87 -13.65 -23.64 -1.36
N ALA B 88 -13.76 -23.18 -0.11
CA ALA B 88 -15.04 -23.29 0.63
C ALA B 88 -16.07 -22.36 -0.02
N MSE B 89 -15.70 -21.11 -0.27
CA MSE B 89 -16.71 -20.11 -0.62
C MSE B 89 -17.26 -20.30 -2.02
O MSE B 89 -18.40 -19.91 -2.28
CB MSE B 89 -16.20 -18.68 -0.45
CG MSE B 89 -16.00 -18.27 1.05
SE MSE B 89 -17.59 -18.37 2.19
CE MSE B 89 -17.33 -20.05 3.05
N ARG B 90 -16.49 -20.92 -2.89
CA ARG B 90 -16.96 -21.14 -4.24
C ARG B 90 -17.06 -22.63 -4.61
N ASP B 91 -16.97 -23.45 -3.59
CA ASP B 91 -17.38 -24.85 -3.67
C ASP B 91 -16.45 -25.64 -4.59
N GLY B 92 -15.19 -25.24 -4.64
CA GLY B 92 -14.22 -25.88 -5.47
C GLY B 92 -14.30 -25.60 -6.92
N LYS B 93 -15.02 -24.56 -7.29
CA LYS B 93 -15.27 -24.24 -8.69
C LYS B 93 -14.51 -23.06 -9.31
N VAL B 94 -13.91 -22.20 -8.50
N VAL B 94 -13.87 -22.25 -8.48
N VAL B 94 -13.96 -22.17 -8.49
CA VAL B 94 -13.25 -21.00 -9.03
CA VAL B 94 -13.26 -21.00 -8.92
CA VAL B 94 -13.27 -20.97 -8.99
C VAL B 94 -11.80 -20.96 -8.59
C VAL B 94 -11.78 -21.02 -8.57
C VAL B 94 -11.80 -20.97 -8.58
N SER B 95 -10.93 -20.73 -9.55
CA SER B 95 -9.50 -20.65 -9.29
C SER B 95 -8.98 -19.22 -9.20
N ALA B 96 -7.80 -19.11 -8.64
CA ALA B 96 -7.08 -17.85 -8.63
C ALA B 96 -5.60 -18.13 -8.59
N ALA B 97 -4.83 -17.27 -9.21
CA ALA B 97 -3.42 -17.25 -9.01
C ALA B 97 -3.17 -16.41 -7.77
N LEU B 98 -2.32 -16.93 -6.89
CA LEU B 98 -1.91 -16.22 -5.69
C LEU B 98 -0.38 -16.24 -5.55
N ASP B 99 0.21 -15.09 -5.27
CA ASP B 99 1.61 -15.01 -4.88
C ASP B 99 1.68 -14.15 -3.63
N ILE B 100 2.57 -14.52 -2.73
CA ILE B 100 2.94 -13.65 -1.60
C ILE B 100 4.40 -13.38 -1.70
N LEU B 101 4.80 -12.11 -1.76
CA LEU B 101 6.20 -11.69 -1.88
C LEU B 101 6.59 -10.87 -0.68
N SER B 102 7.51 -11.37 0.13
CA SER B 102 7.77 -10.80 1.48
C SER B 102 9.23 -10.54 1.70
N VAL B 103 9.50 -9.43 2.37
CA VAL B 103 10.82 -9.22 2.94
C VAL B 103 10.65 -9.20 4.43
N ASP B 104 11.26 -10.19 5.06
CA ASP B 104 11.06 -10.44 6.48
C ASP B 104 12.29 -9.96 7.20
N LEU B 105 12.19 -8.83 7.88
CA LEU B 105 13.38 -8.12 8.43
C LEU B 105 13.83 -8.73 9.71
N ALA B 106 13.08 -9.71 10.20
CA ALA B 106 13.48 -10.53 11.35
C ALA B 106 14.32 -11.74 10.91
N SER B 107 13.96 -12.38 9.81
CA SER B 107 14.76 -13.51 9.28
C SER B 107 15.80 -13.11 8.21
N ARG B 108 15.88 -11.82 7.88
CA ARG B 108 16.78 -11.35 6.79
C ARG B 108 16.62 -12.16 5.47
N SER B 109 15.36 -12.37 5.10
CA SER B 109 15.03 -13.24 3.99
C SER B 109 13.95 -12.64 3.10
N VAL B 110 14.07 -12.93 1.81
CA VAL B 110 13.00 -12.69 0.84
C VAL B 110 12.30 -14.02 0.63
N LEU B 111 10.99 -14.05 0.85
CA LEU B 111 10.19 -15.24 0.65
C LEU B 111 9.22 -15.01 -0.48
N VAL B 112 9.10 -16.01 -1.32
CA VAL B 112 8.10 -15.96 -2.39
C VAL B 112 7.28 -17.25 -2.29
N THR B 113 5.99 -17.09 -1.99
CA THR B 113 5.07 -18.19 -1.82
C THR B 113 4.17 -18.17 -3.03
N ARG B 114 4.21 -19.15 -3.85
CA ARG B 114 3.61 -19.11 -5.18
C ARG B 114 2.56 -20.14 -5.45
N ASN B 115 1.46 -19.72 -5.95
CA ASN B 115 0.37 -20.58 -6.44
C ASN B 115 -0.16 -19.96 -7.69
N SER B 116 0.64 -19.95 -8.72
CA SER B 116 0.23 -19.23 -9.94
CA SER B 116 0.32 -19.22 -9.91
C SER B 116 0.47 -19.88 -11.28
N GLU B 117 1.26 -20.89 -11.42
CA GLU B 117 1.49 -21.28 -12.84
C GLU B 117 1.89 -20.17 -13.92
N VAL B 118 2.30 -18.99 -13.52
CA VAL B 118 2.97 -18.01 -14.40
C VAL B 118 4.44 -17.94 -13.98
N PRO B 119 5.38 -17.88 -14.92
CA PRO B 119 6.76 -17.74 -14.46
C PRO B 119 7.09 -16.42 -13.78
N MSE B 120 8.15 -16.43 -12.99
CA MSE B 120 8.70 -15.19 -12.41
C MSE B 120 10.09 -14.98 -12.90
O MSE B 120 10.73 -15.96 -13.37
CB MSE B 120 8.70 -15.27 -10.91
CG MSE B 120 9.57 -16.33 -10.29
SE MSE B 120 9.78 -16.04 -8.35
CE MSE B 120 11.50 -15.26 -8.41
N LEU B 121 10.62 -13.78 -12.77
CA LEU B 121 12.03 -13.52 -13.03
C LEU B 121 12.79 -13.25 -11.74
N LEU B 122 13.99 -13.73 -11.65
CA LEU B 122 14.88 -13.48 -10.55
C LEU B 122 16.16 -12.85 -11.08
N GLY B 123 16.54 -11.72 -10.54
CA GLY B 123 17.76 -11.05 -10.92
C GLY B 123 18.77 -11.17 -9.81
N ARG B 124 19.94 -11.66 -10.14
CA ARG B 124 21.02 -11.84 -9.18
C ARG B 124 22.12 -10.95 -9.65
N ASN B 125 22.18 -9.78 -9.07
CA ASN B 125 23.17 -8.79 -9.40
C ASN B 125 23.24 -8.47 -10.89
N GLY B 126 22.08 -8.33 -11.52
CA GLY B 126 21.97 -7.92 -12.94
C GLY B 126 21.75 -9.08 -13.92
N GLU B 127 21.99 -10.32 -13.48
CA GLU B 127 21.82 -11.49 -14.33
C GLU B 127 20.45 -12.05 -14.04
N PHE B 128 19.55 -11.95 -14.99
CA PHE B 128 18.20 -12.42 -14.76
C PHE B 128 17.97 -13.84 -15.29
N GLU B 129 17.15 -14.59 -14.59
CA GLU B 129 16.70 -15.88 -15.04
C GLU B 129 15.21 -16.01 -14.82
N GLN B 130 14.61 -16.98 -15.49
CA GLN B 130 13.21 -17.28 -15.38
C GLN B 130 13.02 -18.51 -14.56
N ILE B 131 12.09 -18.46 -13.64
CA ILE B 131 11.81 -19.54 -12.73
C ILE B 131 10.35 -19.98 -12.85
N SER B 132 10.13 -21.23 -13.23
CA SER B 132 8.76 -21.74 -13.48
C SER B 132 8.15 -22.49 -12.29
N GLU B 133 8.93 -22.72 -11.25
CA GLU B 133 8.42 -23.34 -10.02
C GLU B 133 7.27 -22.53 -9.42
N SER B 134 6.12 -23.18 -9.30
CA SER B 134 4.95 -22.67 -8.57
C SER B 134 4.05 -23.83 -8.18
N GLY B 135 3.18 -23.58 -7.21
CA GLY B 135 2.27 -24.60 -6.73
C GLY B 135 0.98 -24.64 -7.53
N GLY B 136 0.93 -23.92 -8.65
CA GLY B 136 -0.30 -23.82 -9.44
C GLY B 136 -1.43 -23.14 -8.69
N ARG B 137 -2.52 -22.89 -9.38
CA ARG B 137 -3.56 -22.01 -8.85
C ARG B 137 -4.34 -22.60 -7.67
N ILE B 138 -4.84 -21.73 -6.82
CA ILE B 138 -5.69 -22.12 -5.71
C ILE B 138 -7.19 -22.18 -6.10
N GLY B 139 -7.95 -22.78 -5.19
CA GLY B 139 -9.38 -22.79 -5.23
C GLY B 139 -10.09 -24.03 -5.73
N ILE B 140 -9.36 -24.92 -6.39
CA ILE B 140 -9.96 -26.09 -7.04
C ILE B 140 -9.58 -27.42 -6.40
N TYR B 141 -8.29 -27.74 -6.32
CA TYR B 141 -7.92 -29.01 -5.67
C TYR B 141 -7.96 -28.85 -4.16
N ARG B 142 -8.61 -29.77 -3.45
CA ARG B 142 -8.82 -29.65 -2.00
C ARG B 142 -7.50 -29.43 -1.29
N HIS B 143 -6.50 -30.21 -1.70
CA HIS B 143 -5.21 -30.21 -0.98
C HIS B 143 -4.11 -29.51 -1.71
N THR B 144 -4.44 -28.42 -2.39
CA THR B 144 -3.44 -27.52 -2.97
C THR B 144 -2.47 -26.96 -1.96
N ARG B 145 -1.20 -26.88 -2.39
CA ARG B 145 -0.12 -26.33 -1.58
C ARG B 145 0.72 -25.33 -2.36
N PRO B 146 1.25 -24.29 -1.67
CA PRO B 146 2.17 -23.35 -2.31
C PRO B 146 3.53 -23.98 -2.62
N ARG B 147 4.22 -23.48 -3.63
CA ARG B 147 5.66 -23.75 -3.75
C ARG B 147 6.43 -22.51 -3.38
N VAL B 148 7.56 -22.74 -2.72
CA VAL B 148 8.15 -21.69 -1.91
C VAL B 148 9.60 -21.48 -2.32
N LEU B 149 9.98 -20.22 -2.37
CA LEU B 149 11.33 -19.86 -2.68
C LEU B 149 11.77 -18.94 -1.55
N GLU B 150 13.03 -19.05 -1.17
CA GLU B 150 13.58 -18.26 -0.10
C GLU B 150 14.95 -17.79 -0.61
N PHE B 151 15.24 -16.51 -0.46
CA PHE B 151 16.51 -15.91 -0.88
C PHE B 151 17.03 -15.05 0.27
N PRO B 152 18.35 -15.08 0.56
CA PRO B 152 18.89 -14.14 1.51
C PRO B 152 18.62 -12.70 1.03
N ALA B 153 18.25 -11.84 1.94
CA ALA B 153 17.91 -10.48 1.55
C ALA B 153 19.21 -9.65 1.40
N GLU B 154 19.91 -9.82 0.29
CA GLU B 154 21.12 -9.02 0.03
C GLU B 154 20.94 -7.99 -1.04
N PRO B 155 21.69 -6.89 -0.95
CA PRO B 155 21.64 -5.91 -2.07
C PRO B 155 21.95 -6.60 -3.43
N GLY B 156 21.21 -6.24 -4.46
CA GLY B 156 21.39 -6.73 -5.82
C GLY B 156 20.41 -7.80 -6.21
N LEU B 157 19.54 -8.21 -5.29
CA LEU B 157 18.47 -9.16 -5.57
C LEU B 157 17.29 -8.42 -6.16
N THR B 158 16.74 -8.91 -7.24
CA THR B 158 15.50 -8.37 -7.84
C THR B 158 14.54 -9.54 -8.12
N VAL B 159 13.28 -9.35 -7.85
CA VAL B 159 12.22 -10.29 -8.15
C VAL B 159 11.19 -9.59 -8.97
N ILE B 160 10.79 -10.20 -10.07
CA ILE B 160 9.69 -9.66 -10.89
C ILE B 160 8.60 -10.68 -11.00
N LEU B 161 7.40 -10.37 -10.53
CA LEU B 161 6.23 -11.22 -10.57
C LEU B 161 5.23 -10.52 -11.49
N VAL B 162 4.53 -11.31 -12.31
CA VAL B 162 3.52 -10.82 -13.20
C VAL B 162 2.26 -11.66 -13.12
N SER B 163 1.20 -11.07 -13.61
CA SER B 163 0.00 -11.80 -13.87
C SER B 163 0.02 -12.34 -15.28
N ASP B 164 -0.87 -13.27 -15.54
CA ASP B 164 -0.85 -13.90 -16.85
C ASP B 164 -1.19 -12.99 -17.99
N GLY B 165 -1.76 -11.82 -17.73
CA GLY B 165 -2.02 -10.89 -18.80
C GLY B 165 -0.76 -10.34 -19.43
N ILE B 166 0.30 -10.27 -18.65
CA ILE B 166 1.60 -9.88 -19.17
C ILE B 166 2.17 -11.00 -20.05
N ILE B 167 2.12 -12.23 -19.57
CA ILE B 167 2.64 -13.38 -20.37
C ILE B 167 1.85 -13.55 -21.66
N GLY B 168 0.55 -13.30 -21.58
CA GLY B 168 -0.38 -13.37 -22.76
C GLY B 168 -0.29 -12.24 -23.80
N ALA B 169 0.41 -11.16 -23.47
CA ALA B 169 0.45 -9.97 -24.32
C ALA B 169 1.07 -10.35 -25.64
N GLY B 170 0.43 -9.91 -26.72
CA GLY B 170 0.87 -10.27 -28.08
C GLY B 170 0.24 -11.53 -28.61
N GLY B 171 -0.37 -12.32 -27.74
CA GLY B 171 -0.97 -13.59 -28.15
C GLY B 171 -2.01 -13.41 -29.25
N ARG B 172 -2.80 -12.34 -29.17
CA ARG B 172 -3.85 -12.03 -30.16
C ARG B 172 -3.33 -12.10 -31.61
N ARG B 173 -2.14 -11.55 -31.84
CA ARG B 173 -1.55 -11.48 -33.17
C ARG B 173 -0.44 -12.53 -33.30
N GLY B 174 -0.42 -13.51 -32.38
CA GLY B 174 0.56 -14.59 -32.45
C GLY B 174 2.00 -14.16 -32.26
N GLN B 175 2.23 -13.08 -31.51
CA GLN B 175 3.57 -12.54 -31.28
C GLN B 175 3.75 -12.27 -29.76
N PRO B 176 3.81 -13.33 -28.95
CA PRO B 176 3.79 -13.21 -27.52
C PRO B 176 5.04 -12.41 -27.00
N LEU B 177 4.86 -11.62 -25.97
CA LEU B 177 5.95 -10.98 -25.30
C LEU B 177 7.04 -11.96 -24.90
N GLU B 178 8.29 -11.59 -25.17
CA GLU B 178 9.41 -12.44 -24.70
C GLU B 178 9.74 -11.96 -23.30
N PHE B 179 9.24 -12.68 -22.31
CA PHE B 179 9.22 -12.19 -20.93
C PHE B 179 10.64 -12.01 -20.35
N LEU B 180 11.40 -13.10 -20.27
CA LEU B 180 12.78 -13.05 -19.74
C LEU B 180 13.63 -12.01 -20.49
N ALA B 181 13.60 -12.04 -21.80
CA ALA B 181 14.35 -11.05 -22.57
C ALA B 181 13.95 -9.62 -22.30
N THR B 182 12.64 -9.36 -22.17
CA THR B 182 12.16 -8.01 -21.96
C THR B 182 12.53 -7.55 -20.50
N GLY B 183 12.42 -8.46 -19.53
CA GLY B 183 12.78 -8.12 -18.15
C GLY B 183 14.23 -7.71 -18.00
N GLY B 184 15.14 -8.55 -18.51
CA GLY B 184 16.58 -8.24 -18.47
C GLY B 184 16.89 -6.96 -19.22
N ARG B 185 16.21 -6.73 -20.33
CA ARG B 185 16.40 -5.51 -21.08
C ARG B 185 16.12 -4.28 -20.20
N VAL B 186 14.94 -4.25 -19.59
CA VAL B 186 14.45 -3.04 -18.91
C VAL B 186 15.12 -2.80 -17.55
N ALA B 187 15.59 -3.87 -16.92
CA ALA B 187 16.18 -3.79 -15.62
C ALA B 187 17.65 -3.46 -15.71
N GLY B 188 17.98 -2.19 -15.91
CA GLY B 188 19.38 -1.76 -15.80
C GLY B 188 19.94 -1.74 -14.37
N PRO B 189 21.22 -1.39 -14.21
CA PRO B 189 21.89 -1.50 -12.91
C PRO B 189 21.39 -0.54 -11.81
N GLU B 190 20.98 0.66 -12.21
CA GLU B 190 20.47 1.69 -11.32
C GLU B 190 18.98 1.94 -11.53
N THR B 191 18.35 1.13 -12.38
CA THR B 191 16.95 1.34 -12.70
C THR B 191 16.08 1.09 -11.45
N PRO B 192 15.26 2.09 -11.05
CA PRO B 192 14.42 1.85 -9.87
C PRO B 192 13.31 0.84 -10.16
N ALA B 193 12.86 0.20 -9.11
CA ALA B 193 11.77 -0.75 -9.21
C ALA B 193 10.58 -0.21 -10.03
N GLN B 194 10.18 1.02 -9.79
CA GLN B 194 9.01 1.58 -10.46
C GLN B 194 9.24 1.63 -11.97
N ALA B 195 10.48 1.88 -12.41
CA ALA B 195 10.81 2.04 -13.82
C ALA B 195 10.82 0.70 -14.50
N ILE B 196 11.34 -0.33 -13.81
CA ILE B 196 11.21 -1.72 -14.27
C ILE B 196 9.71 -2.10 -14.49
N ALA B 197 8.89 -1.86 -13.47
CA ALA B 197 7.48 -2.21 -13.54
C ALA B 197 6.79 -1.44 -14.68
N ASP B 198 7.01 -0.13 -14.75
CA ASP B 198 6.39 0.74 -15.76
C ASP B 198 6.77 0.23 -17.17
N GLU B 199 8.03 -0.08 -17.34
CA GLU B 199 8.54 -0.41 -18.69
C GLU B 199 8.17 -1.80 -19.12
N LEU B 200 8.06 -2.72 -18.16
CA LEU B 200 7.59 -4.05 -18.52
C LEU B 200 6.12 -4.01 -18.91
N LEU B 201 5.31 -3.29 -18.14
CA LEU B 201 3.91 -3.11 -18.48
C LEU B 201 3.73 -2.44 -19.88
N GLU B 202 4.54 -1.41 -20.17
CA GLU B 202 4.45 -0.70 -21.42
C GLU B 202 4.80 -1.67 -22.57
N ALA B 203 5.81 -2.50 -22.37
CA ALA B 203 6.13 -3.46 -23.42
C ALA B 203 4.99 -4.46 -23.71
N ALA B 204 4.34 -4.93 -22.65
CA ALA B 204 3.16 -5.74 -22.81
C ALA B 204 2.02 -5.01 -23.53
N LEU B 205 1.82 -3.74 -23.21
CA LEU B 205 0.76 -2.95 -23.87
C LEU B 205 1.06 -2.77 -25.33
N VAL B 206 2.33 -2.53 -25.67
CA VAL B 206 2.70 -2.40 -27.08
C VAL B 206 2.44 -3.76 -27.80
N ALA B 207 2.76 -4.88 -27.16
CA ALA B 207 2.48 -6.20 -27.72
C ALA B 207 0.97 -6.44 -27.99
N ASP B 208 0.10 -5.92 -27.13
CA ASP B 208 -1.36 -5.97 -27.35
C ASP B 208 -1.91 -4.76 -28.09
N ASP B 209 -1.07 -4.06 -28.81
CA ASP B 209 -1.50 -2.87 -29.60
C ASP B 209 -2.31 -1.91 -28.79
N GLY B 210 -2.00 -1.79 -27.50
CA GLY B 210 -2.64 -0.80 -26.65
C GLY B 210 -3.99 -1.19 -26.12
N ARG B 211 -4.40 -2.41 -26.41
CA ARG B 211 -5.66 -2.93 -25.92
C ARG B 211 -5.39 -4.22 -25.16
N ALA B 212 -5.19 -4.05 -23.85
CA ALA B 212 -4.83 -5.19 -23.02
C ALA B 212 -5.81 -6.33 -23.21
N GLY B 213 -5.27 -7.49 -23.49
CA GLY B 213 -6.10 -8.66 -23.71
C GLY B 213 -6.61 -9.28 -22.45
N ASP B 214 -5.97 -8.97 -21.33
CA ASP B 214 -6.35 -9.39 -20.02
C ASP B 214 -5.77 -8.37 -19.05
N ASP B 215 -6.22 -8.44 -17.81
CA ASP B 215 -5.63 -7.65 -16.76
C ASP B 215 -4.12 -7.93 -16.71
N MSE B 216 -3.35 -6.89 -16.50
CA MSE B 216 -1.90 -6.92 -16.51
C MSE B 216 -1.37 -6.33 -15.27
O MSE B 216 -1.72 -5.18 -14.97
CB MSE B 216 -1.37 -6.04 -17.67
CG MSE B 216 -1.68 -6.57 -18.98
SE MSE B 216 -0.91 -5.37 -20.30
CE MSE B 216 -1.36 -6.53 -21.79
N THR B 217 -0.48 -7.02 -14.57
CA THR B 217 0.12 -6.52 -13.34
C THR B 217 1.56 -6.90 -13.30
N VAL B 218 2.42 -5.98 -12.93
CA VAL B 218 3.85 -6.22 -12.73
C VAL B 218 4.18 -5.77 -11.33
N VAL B 219 4.80 -6.65 -10.56
CA VAL B 219 5.31 -6.40 -9.20
C VAL B 219 6.80 -6.57 -9.21
N VAL B 220 7.56 -5.56 -8.79
CA VAL B 220 8.99 -5.60 -8.76
C VAL B 220 9.51 -5.34 -7.36
N LEU B 221 10.39 -6.19 -6.85
CA LEU B 221 11.16 -5.97 -5.65
C LEU B 221 12.60 -5.78 -6.02
N ARG B 222 13.22 -4.72 -5.57
CA ARG B 222 14.64 -4.49 -5.75
CA ARG B 222 14.66 -4.53 -5.72
C ARG B 222 15.26 -4.26 -4.37
N LEU B 223 16.27 -5.02 -4.00
CA LEU B 223 17.00 -4.74 -2.78
C LEU B 223 18.27 -4.02 -3.20
N ARG B 224 18.56 -2.95 -2.50
CA ARG B 224 19.77 -2.20 -2.76
C ARG B 224 20.51 -1.79 -1.49
N ASN B 225 21.69 -1.23 -1.70
CA ASN B 225 22.48 -0.68 -0.59
C ASN B 225 21.79 0.55 -0.02
N VAL B 226 22.06 0.89 1.24
CA VAL B 226 21.52 2.11 1.85
C VAL B 226 22.31 3.31 1.35
N GLU B 227 21.62 4.24 0.65
CA GLU B 227 22.19 5.56 0.29
C GLU B 227 21.23 6.72 0.61
N GLU B 228 20.49 6.55 1.70
CA GLU B 228 19.71 7.61 2.33
C GLU B 228 19.93 7.43 3.83
N VAL B 229 20.44 8.46 4.49
CA VAL B 229 20.90 8.39 5.89
C VAL B 229 19.81 8.47 6.95
N GLU B 230 18.70 9.16 6.71
CA GLU B 230 17.58 9.16 7.68
C GLU B 230 16.69 7.95 7.33
N PRO B 231 16.22 7.19 8.34
CA PRO B 231 15.38 6.02 8.07
C PRO B 231 13.97 6.47 7.82
N ILE B 232 13.76 7.07 6.66
CA ILE B 232 12.44 7.50 6.27
C ILE B 232 11.77 6.35 5.48
N ARG B 233 10.52 6.05 5.79
CA ARG B 233 9.71 5.13 4.98
C ARG B 233 8.82 5.97 4.11
N ARG B 234 8.72 5.59 2.85
CA ARG B 234 7.80 6.21 1.94
C ARG B 234 6.90 5.24 1.23
N MSE B 235 5.70 5.67 0.90
CA MSE B 235 4.81 4.88 0.09
CA MSE B 235 4.72 4.85 0.17
C MSE B 235 3.98 5.83 -0.73
O MSE B 235 3.62 6.94 -0.30
CB MSE B 235 3.97 3.93 0.93
CB MSE B 235 3.74 4.10 1.11
CG MSE B 235 3.27 4.55 2.12
CG MSE B 235 2.93 2.85 0.51
SE MSE B 235 3.08 3.45 3.74
SE MSE B 235 2.01 1.60 1.84
CE MSE B 235 4.79 3.93 4.58
CE MSE B 235 1.70 2.90 3.27
N ALA B 236 3.71 5.43 -1.96
CA ALA B 236 2.96 6.25 -2.87
C ALA B 236 2.06 5.40 -3.74
N LEU B 237 0.86 5.89 -4.00
CA LEU B 237 -0.05 5.28 -4.89
C LEU B 237 -0.53 6.33 -5.87
N THR B 238 -0.63 6.01 -7.14
CA THR B 238 -1.22 6.87 -8.10
C THR B 238 -2.24 6.13 -8.87
N VAL B 239 -3.43 6.66 -9.00
CA VAL B 239 -4.50 6.13 -9.80
C VAL B 239 -4.97 7.18 -10.78
N PRO B 240 -4.51 7.07 -12.03
CA PRO B 240 -5.03 8.06 -12.99
C PRO B 240 -6.49 7.66 -13.40
N LEU B 241 -7.30 8.62 -13.81
CA LEU B 241 -8.63 8.31 -14.34
C LEU B 241 -9.51 7.67 -13.30
N GLY B 242 -9.62 8.32 -12.18
CA GLY B 242 -10.54 7.91 -11.15
C GLY B 242 -11.90 8.48 -11.47
MG MG C . 2.51 10.80 18.40
MG MG D . 2.43 7.37 19.72
C1 GOL E . 8.66 4.04 10.53
O1 GOL E . 8.34 5.34 10.37
C2 GOL E . 9.96 3.92 11.31
O2 GOL E . 10.96 4.71 10.61
C3 GOL E . 10.10 2.53 11.87
O3 GOL E . 8.98 1.67 12.13
MG MG F . -5.43 -13.19 -15.54
MG MG G . -8.13 -12.20 -13.28
#